data_6VUU
#
_entry.id   6VUU
#
_cell.length_a   174.552
_cell.length_b   174.552
_cell.length_c   122.883
_cell.angle_alpha   90.000
_cell.angle_beta   90.000
_cell.angle_gamma   120.000
#
_symmetry.space_group_name_H-M   'H 3 2'
#
loop_
_entity.id
_entity.type
_entity.pdbx_description
1 polymer 'N-acetyltransferase Eis'
2 non-polymer (7S)-7-methyl-2-{[3-(piperidin-1-yl)propyl]sulfanyl}-7,8-dihydro[1]benzothieno[2,3-d]pyrimidin-4-amine
3 non-polymer DI(HYDROXYETHYL)ETHER
4 non-polymer GLYCEROL
5 non-polymer 'DIMETHYL SULFOXIDE'
6 water water
#
_entity_poly.entity_id   1
_entity_poly.type   'polypeptide(L)'
_entity_poly.pdbx_seq_one_letter_code
;MGSSHHHHHHSSGLVPRGSHMTVTLCSPTEDDWPGMFLLAAASFTDFIGPESATAWRTLVPTDGAVVVRDGAGPGSEVVG
MALYMDLRLTVPGEVVLPTAGLSFVAVAPTHRRRGLLRAMCAELHRRIADSGYPVAALHASEGGIYGRFGYGPATTLHEL
TVDRRFARFHADAPGGGLGGSSVRLVRPTEHRGEFEAIYERWRQQVPGGLLRPQVLWDELLAEAKAAPGGDRESFALLHP
DGYALYRVDRTDLKLARVSELRAVTADAHCALWRALIGLDSMERISIITHPQDPLPHLLTDTRLARTTWRQDGLWLRIMN
VPAALEARGYAHEVGEFSTVLEVSDGGRFALKIGDGRARCTPTDAAAEIEMDRDVLGSLYLGAHRASTLAAANRLRTKDS
QLLRRLDAAFASDVPVQTAFEF
;
_entity_poly.pdbx_strand_id   A
#
loop_
_chem_comp.id
_chem_comp.type
_chem_comp.name
_chem_comp.formula
DMS non-polymer 'DIMETHYL SULFOXIDE' 'C2 H6 O S'
GOL non-polymer GLYCEROL 'C3 H8 O3'
PEG non-polymer DI(HYDROXYETHYL)ETHER 'C4 H10 O3'
RNJ non-polymer (7S)-7-methyl-2-{[3-(piperidin-1-yl)propyl]sulfanyl}-7,8-dihydro[1]benzothieno[2,3-d]pyrimidin-4-amine 'C19 H26 N4 S2'
#
# COMPACT_ATOMS: atom_id res chain seq x y z
N VAL A 23 9.97 28.83 -16.63
CA VAL A 23 9.54 27.54 -16.00
C VAL A 23 9.99 26.38 -16.90
N THR A 24 11.19 25.87 -16.67
CA THR A 24 11.81 24.72 -17.38
C THR A 24 11.66 23.46 -16.54
N LEU A 25 11.44 22.30 -17.18
CA LEU A 25 11.27 20.97 -16.52
C LEU A 25 12.51 20.10 -16.81
N CYS A 26 13.40 19.92 -15.83
CA CYS A 26 14.69 19.19 -15.96
C CYS A 26 14.79 18.09 -14.91
N SER A 27 15.72 17.14 -15.09
CA SER A 27 16.23 16.24 -14.03
C SER A 27 17.09 17.06 -13.07
N PRO A 28 16.96 16.92 -11.74
CA PRO A 28 17.83 17.68 -10.84
C PRO A 28 19.31 17.33 -11.03
N THR A 29 20.17 18.30 -10.73
CA THR A 29 21.65 18.19 -10.57
C THR A 29 21.95 18.28 -9.08
N GLU A 30 23.17 17.99 -8.65
CA GLU A 30 23.54 17.97 -7.20
C GLU A 30 23.12 19.29 -6.54
N ASP A 31 23.16 20.41 -7.28
CA ASP A 31 22.93 21.78 -6.75
C ASP A 31 21.44 22.02 -6.47
N ASP A 32 20.54 21.21 -7.04
CA ASP A 32 19.07 21.38 -6.91
C ASP A 32 18.56 20.78 -5.60
N TRP A 33 19.30 19.89 -4.95
CA TRP A 33 18.78 19.06 -3.83
C TRP A 33 18.55 19.89 -2.56
N PRO A 34 19.37 20.93 -2.25
CA PRO A 34 19.02 21.86 -1.17
C PRO A 34 17.65 22.55 -1.37
N GLY A 35 17.39 23.05 -2.58
CA GLY A 35 16.10 23.66 -2.97
C GLY A 35 14.96 22.66 -2.86
N MET A 36 15.24 21.39 -3.15
CA MET A 36 14.23 20.31 -3.13
C MET A 36 13.90 19.97 -1.67
N PHE A 37 14.90 19.89 -0.80
CA PHE A 37 14.72 19.61 0.65
C PHE A 37 14.01 20.79 1.32
N LEU A 38 14.23 22.03 0.87
CA LEU A 38 13.50 23.22 1.38
C LEU A 38 12.01 23.07 1.02
N LEU A 39 11.70 22.87 -0.27
CA LEU A 39 10.29 22.69 -0.73
C LEU A 39 9.62 21.52 0.02
N ALA A 40 10.37 20.43 0.29
CA ALA A 40 9.88 19.24 1.02
C ALA A 40 9.51 19.63 2.46
N ALA A 41 10.39 20.37 3.13
CA ALA A 41 10.19 20.82 4.52
C ALA A 41 8.90 21.67 4.60
N ALA A 42 8.58 22.44 3.57
CA ALA A 42 7.43 23.39 3.55
C ALA A 42 6.17 22.70 3.01
N SER A 43 6.29 21.57 2.32
CA SER A 43 5.14 20.86 1.70
C SER A 43 4.65 19.72 2.60
N PHE A 44 5.55 19.06 3.34
CA PHE A 44 5.25 17.85 4.17
C PHE A 44 5.58 18.14 5.65
N THR A 45 4.59 17.97 6.53
CA THR A 45 4.72 18.23 7.98
C THR A 45 5.53 17.09 8.61
N ASP A 46 5.45 15.90 8.02
CA ASP A 46 6.09 14.65 8.50
C ASP A 46 7.55 14.57 8.03
N PHE A 47 8.09 15.59 7.36
CA PHE A 47 9.42 15.52 6.68
C PHE A 47 10.49 15.24 7.75
N ILE A 48 11.36 14.30 7.43
CA ILE A 48 12.25 13.54 8.37
C ILE A 48 13.66 14.13 8.31
N GLY A 49 13.83 15.26 7.61
CA GLY A 49 15.08 16.04 7.53
C GLY A 49 16.00 15.52 6.42
N PRO A 50 17.02 16.32 6.01
CA PRO A 50 17.89 15.96 4.88
C PRO A 50 18.79 14.74 5.09
N GLU A 51 19.30 14.52 6.32
CA GLU A 51 20.18 13.36 6.64
C GLU A 51 19.49 12.05 6.21
N SER A 52 18.21 11.92 6.55
CA SER A 52 17.39 10.70 6.38
C SER A 52 16.71 10.68 4.99
N ALA A 53 16.52 11.84 4.36
CA ALA A 53 16.07 11.97 2.96
C ALA A 53 17.10 11.32 2.02
N THR A 54 18.38 11.32 2.41
CA THR A 54 19.54 10.78 1.65
C THR A 54 19.52 9.24 1.68
N ALA A 55 18.93 8.65 2.71
CA ALA A 55 18.70 7.20 2.83
C ALA A 55 17.63 6.75 1.84
N TRP A 56 16.48 7.43 1.80
CA TRP A 56 15.39 7.13 0.83
C TRP A 56 15.87 7.41 -0.59
N ARG A 57 16.79 8.37 -0.75
CA ARG A 57 17.31 8.82 -2.07
C ARG A 57 18.05 7.70 -2.79
N THR A 58 18.55 6.69 -2.05
CA THR A 58 19.22 5.49 -2.62
C THR A 58 18.20 4.69 -3.45
N LEU A 59 16.89 4.82 -3.17
CA LEU A 59 15.80 4.08 -3.86
C LEU A 59 15.34 4.83 -5.10
N VAL A 60 15.88 6.02 -5.38
CA VAL A 60 15.54 6.81 -6.60
C VAL A 60 16.56 6.47 -7.68
N PRO A 61 16.13 5.93 -8.84
CA PRO A 61 17.04 5.65 -9.94
C PRO A 61 17.45 6.94 -10.68
N THR A 62 18.44 6.83 -11.56
CA THR A 62 19.27 7.94 -12.10
C THR A 62 18.41 9.02 -12.80
N ASP A 63 17.35 8.64 -13.51
CA ASP A 63 16.48 9.65 -14.16
C ASP A 63 15.07 9.54 -13.59
N GLY A 64 14.97 9.31 -12.27
CA GLY A 64 13.70 9.07 -11.56
C GLY A 64 13.07 10.34 -11.00
N ALA A 65 13.70 11.50 -11.20
CA ALA A 65 13.33 12.78 -10.56
C ALA A 65 13.27 13.88 -11.60
N VAL A 66 12.28 14.76 -11.45
CA VAL A 66 12.13 16.01 -12.23
C VAL A 66 11.93 17.17 -11.25
N VAL A 67 12.50 18.34 -11.58
CA VAL A 67 12.27 19.62 -10.86
C VAL A 67 11.76 20.61 -11.90
N VAL A 68 11.00 21.60 -11.44
CA VAL A 68 10.70 22.85 -12.17
C VAL A 68 11.45 23.98 -11.45
N ARG A 69 12.30 24.73 -12.16
CA ARG A 69 12.99 25.96 -11.69
C ARG A 69 12.22 27.16 -12.22
N ASP A 70 12.24 28.31 -11.52
CA ASP A 70 11.60 29.55 -12.00
C ASP A 70 12.61 30.36 -12.81
N GLY A 71 12.64 30.16 -14.14
CA GLY A 71 13.53 30.84 -15.10
C GLY A 71 14.94 31.04 -14.55
N SER A 76 18.06 30.71 -9.94
CA SER A 76 16.62 30.34 -9.94
C SER A 76 16.37 29.17 -8.99
N GLU A 77 15.28 29.23 -8.20
CA GLU A 77 14.94 28.25 -7.14
C GLU A 77 13.93 27.22 -7.66
N VAL A 78 13.82 26.10 -6.92
CA VAL A 78 12.95 24.93 -7.23
C VAL A 78 11.53 25.24 -6.75
N VAL A 79 10.57 25.29 -7.69
CA VAL A 79 9.13 25.59 -7.41
C VAL A 79 8.27 24.34 -7.62
N GLY A 80 8.86 23.25 -8.11
CA GLY A 80 8.17 21.98 -8.34
C GLY A 80 9.14 20.82 -8.38
N MET A 81 8.72 19.67 -7.88
CA MET A 81 9.52 18.43 -7.94
C MET A 81 8.56 17.25 -7.94
N ALA A 82 9.00 16.14 -8.54
CA ALA A 82 8.35 14.81 -8.47
C ALA A 82 9.43 13.78 -8.76
N LEU A 83 9.27 12.57 -8.24
CA LEU A 83 10.19 11.46 -8.53
C LEU A 83 9.50 10.12 -8.29
N TYR A 84 10.19 9.03 -8.63
CA TYR A 84 9.70 7.66 -8.40
C TYR A 84 10.87 6.84 -7.84
N MET A 85 10.51 5.92 -6.95
CA MET A 85 11.45 4.97 -6.34
C MET A 85 11.25 3.62 -7.01
N ASP A 86 12.29 2.82 -7.07
CA ASP A 86 12.20 1.44 -7.62
C ASP A 86 11.65 0.53 -6.53
N LEU A 87 10.43 0.02 -6.68
CA LEU A 87 9.75 -0.85 -5.69
C LEU A 87 9.41 -2.19 -6.34
N ARG A 88 9.14 -3.19 -5.50
CA ARG A 88 8.70 -4.55 -5.90
C ARG A 88 7.37 -4.84 -5.20
N LEU A 89 6.29 -4.93 -5.97
CA LEU A 89 4.91 -5.06 -5.46
C LEU A 89 4.40 -6.47 -5.78
N THR A 90 3.99 -7.19 -4.74
CA THR A 90 3.31 -8.50 -4.81
C THR A 90 1.86 -8.27 -5.24
N VAL A 91 1.43 -8.96 -6.30
CA VAL A 91 0.03 -8.91 -6.82
C VAL A 91 -0.55 -10.31 -6.67
N PRO A 92 -1.88 -10.50 -6.85
CA PRO A 92 -2.51 -11.80 -6.68
C PRO A 92 -1.80 -12.89 -7.51
N GLY A 93 -1.61 -14.06 -6.93
CA GLY A 93 -0.81 -15.17 -7.50
C GLY A 93 0.62 -15.16 -6.97
N GLU A 94 0.91 -14.37 -5.94
CA GLU A 94 2.26 -14.25 -5.33
C GLU A 94 3.26 -13.85 -6.41
N VAL A 95 2.83 -13.01 -7.36
CA VAL A 95 3.65 -12.52 -8.49
C VAL A 95 4.16 -11.13 -8.10
N VAL A 96 5.43 -10.87 -8.35
CA VAL A 96 6.13 -9.62 -7.91
C VAL A 96 6.40 -8.76 -9.15
N LEU A 97 5.90 -7.52 -9.16
CA LEU A 97 6.05 -6.55 -10.29
C LEU A 97 7.05 -5.46 -9.94
N PRO A 98 7.99 -5.13 -10.87
CA PRO A 98 8.73 -3.88 -10.79
C PRO A 98 7.67 -2.78 -10.77
N THR A 99 7.74 -1.88 -9.81
CA THR A 99 6.71 -0.84 -9.57
C THR A 99 7.41 0.49 -9.40
N ALA A 100 7.02 1.49 -10.19
CA ALA A 100 7.46 2.89 -10.01
C ALA A 100 6.61 3.51 -8.91
N GLY A 101 7.23 3.74 -7.75
CA GLY A 101 6.62 4.38 -6.57
C GLY A 101 6.71 5.90 -6.63
N LEU A 102 5.65 6.55 -7.08
CA LEU A 102 5.58 8.04 -7.15
C LEU A 102 5.64 8.56 -5.72
N SER A 103 6.31 9.69 -5.52
CA SER A 103 6.69 10.19 -4.19
C SER A 103 7.36 11.57 -4.30
N PHE A 104 7.48 12.27 -3.17
CA PHE A 104 8.15 13.58 -3.05
C PHE A 104 7.56 14.58 -4.05
N VAL A 105 6.26 14.49 -4.32
CA VAL A 105 5.55 15.39 -5.29
C VAL A 105 5.15 16.66 -4.53
N ALA A 106 5.56 17.82 -5.01
CA ALA A 106 5.30 19.13 -4.38
C ALA A 106 5.42 20.24 -5.41
N VAL A 107 4.42 21.12 -5.41
CA VAL A 107 4.45 22.43 -6.11
C VAL A 107 4.51 23.51 -5.03
N ALA A 108 5.34 24.53 -5.23
CA ALA A 108 5.48 25.66 -4.29
C ALA A 108 4.12 26.36 -4.14
N PRO A 109 3.77 26.86 -2.94
CA PRO A 109 2.49 27.57 -2.75
C PRO A 109 2.38 28.85 -3.58
N THR A 110 3.53 29.37 -4.02
CA THR A 110 3.70 30.55 -4.91
C THR A 110 3.41 30.20 -6.37
N HIS A 111 3.21 28.92 -6.73
CA HIS A 111 3.18 28.45 -8.13
C HIS A 111 2.00 27.50 -8.39
N ARG A 112 0.96 27.53 -7.55
CA ARG A 112 -0.28 26.74 -7.71
C ARG A 112 -0.97 27.13 -9.03
N ARG A 113 -1.94 26.30 -9.47
CA ARG A 113 -2.84 26.54 -10.63
C ARG A 113 -2.01 26.98 -11.84
N ARG A 114 -0.91 26.28 -12.11
CA ARG A 114 0.04 26.62 -13.21
C ARG A 114 0.30 25.37 -14.07
N GLY A 115 -0.40 24.26 -13.83
CA GLY A 115 -0.23 23.01 -14.58
C GLY A 115 1.12 22.37 -14.35
N LEU A 116 1.78 22.70 -13.23
CA LEU A 116 3.13 22.19 -12.88
C LEU A 116 3.04 20.70 -12.52
N LEU A 117 2.03 20.29 -11.75
CA LEU A 117 1.79 18.86 -11.41
C LEU A 117 1.51 18.07 -12.70
N ARG A 118 0.61 18.56 -13.57
CA ARG A 118 0.28 17.93 -14.87
C ARG A 118 1.57 17.75 -15.69
N ALA A 119 2.41 18.78 -15.81
CA ALA A 119 3.68 18.72 -16.59
C ALA A 119 4.64 17.69 -15.97
N MET A 120 4.81 17.71 -14.64
CA MET A 120 5.76 16.79 -13.96
C MET A 120 5.26 15.34 -14.05
N CYS A 121 3.97 15.11 -13.84
CA CYS A 121 3.36 13.76 -13.84
C CYS A 121 3.47 13.16 -15.25
N ALA A 122 3.28 13.99 -16.29
CA ALA A 122 3.36 13.59 -17.72
C ALA A 122 4.79 13.14 -18.06
N GLU A 123 5.80 13.86 -17.55
CA GLU A 123 7.22 13.55 -17.83
C GLU A 123 7.59 12.25 -17.12
N LEU A 124 7.21 12.09 -15.85
CA LEU A 124 7.60 10.90 -15.06
C LEU A 124 6.90 9.66 -15.64
N HIS A 125 5.67 9.81 -16.11
CA HIS A 125 4.88 8.72 -16.75
C HIS A 125 5.54 8.26 -18.05
N ARG A 126 5.97 9.19 -18.90
CA ARG A 126 6.77 8.93 -20.12
C ARG A 126 7.98 8.05 -19.74
N ARG A 127 8.76 8.51 -18.76
CA ARG A 127 10.01 7.87 -18.30
C ARG A 127 9.73 6.50 -17.68
N ILE A 128 8.70 6.39 -16.84
CA ILE A 128 8.33 5.13 -16.14
C ILE A 128 7.91 4.09 -17.19
N ALA A 129 7.10 4.51 -18.17
CA ALA A 129 6.58 3.69 -19.29
C ALA A 129 7.73 3.21 -20.18
N ASP A 130 8.65 4.11 -20.58
CA ASP A 130 9.79 3.83 -21.48
C ASP A 130 10.83 2.95 -20.76
N SER A 131 10.92 3.05 -19.44
CA SER A 131 11.81 2.22 -18.60
C SER A 131 11.30 0.76 -18.51
N GLY A 132 10.02 0.51 -18.80
CA GLY A 132 9.44 -0.86 -18.82
C GLY A 132 8.81 -1.27 -17.50
N TYR A 133 8.28 -0.32 -16.73
CA TYR A 133 7.48 -0.60 -15.51
C TYR A 133 6.06 -0.90 -15.94
N PRO A 134 5.47 -2.05 -15.52
CA PRO A 134 4.08 -2.36 -15.85
C PRO A 134 3.06 -1.54 -15.06
N VAL A 135 3.41 -1.15 -13.83
CA VAL A 135 2.52 -0.34 -12.95
C VAL A 135 3.35 0.77 -12.28
N ALA A 136 2.66 1.84 -11.89
CA ALA A 136 3.13 2.88 -10.94
C ALA A 136 2.19 2.86 -9.73
N ALA A 137 2.70 3.32 -8.58
CA ALA A 137 1.96 3.33 -7.31
C ALA A 137 2.29 4.59 -6.50
N LEU A 138 1.35 5.02 -5.66
CA LEU A 138 1.55 6.16 -4.74
C LEU A 138 0.57 6.05 -3.57
N HIS A 139 0.89 6.83 -2.53
CA HIS A 139 -0.02 7.19 -1.41
C HIS A 139 -0.41 8.65 -1.61
N ALA A 140 -1.70 8.97 -1.52
CA ALA A 140 -2.27 10.30 -1.86
C ALA A 140 -2.35 11.17 -0.61
N SER A 141 -1.96 12.44 -0.73
CA SER A 141 -2.10 13.45 0.34
C SER A 141 -3.58 13.81 0.49
N GLU A 142 -4.27 14.04 -0.63
CA GLU A 142 -5.75 14.20 -0.71
C GLU A 142 -6.29 13.15 -1.68
N GLY A 143 -7.59 12.84 -1.63
CA GLY A 143 -8.18 11.70 -2.36
C GLY A 143 -8.76 12.09 -3.71
N GLY A 144 -8.51 13.31 -4.21
CA GLY A 144 -9.16 13.85 -5.42
C GLY A 144 -8.19 14.43 -6.44
N ILE A 145 -6.88 14.23 -6.23
CA ILE A 145 -5.79 14.75 -7.09
C ILE A 145 -5.50 13.75 -8.22
N TYR A 146 -5.36 12.46 -7.91
CA TYR A 146 -4.57 11.48 -8.70
C TYR A 146 -5.47 10.64 -9.64
N GLY A 147 -6.79 10.60 -9.45
CA GLY A 147 -7.72 9.90 -10.36
C GLY A 147 -7.54 10.33 -11.81
N ARG A 148 -7.36 11.62 -12.04
CA ARG A 148 -7.33 12.19 -13.41
C ARG A 148 -6.00 11.83 -14.11
N PHE A 149 -5.01 11.28 -13.39
CA PHE A 149 -3.71 10.82 -13.95
C PHE A 149 -3.69 9.29 -14.12
N GLY A 150 -4.81 8.61 -13.90
CA GLY A 150 -4.98 7.17 -14.10
C GLY A 150 -4.67 6.33 -12.86
N TYR A 151 -4.42 6.97 -11.71
CA TYR A 151 -4.25 6.28 -10.40
C TYR A 151 -5.63 5.98 -9.78
N GLY A 152 -5.85 4.73 -9.39
CA GLY A 152 -7.06 4.26 -8.69
C GLY A 152 -6.72 3.71 -7.32
N PRO A 153 -7.52 4.01 -6.26
CA PRO A 153 -7.29 3.42 -4.94
C PRO A 153 -7.38 1.90 -5.07
N ALA A 154 -6.37 1.17 -4.61
CA ALA A 154 -6.19 -0.28 -4.83
C ALA A 154 -6.11 -1.07 -3.52
N THR A 155 -5.78 -0.43 -2.39
CA THR A 155 -5.88 -1.03 -1.03
C THR A 155 -6.69 -0.12 -0.10
N THR A 156 -7.30 -0.72 0.93
CA THR A 156 -8.13 -0.03 1.95
C THR A 156 -7.51 -0.20 3.35
N LEU A 157 -7.30 0.92 4.04
CA LEU A 157 -6.82 1.00 5.45
C LEU A 157 -8.06 1.00 6.36
N HIS A 158 -8.10 0.06 7.30
CA HIS A 158 -9.06 0.01 8.42
C HIS A 158 -8.30 0.27 9.71
N GLU A 159 -8.69 1.27 10.49
CA GLU A 159 -8.23 1.36 11.89
C GLU A 159 -9.21 0.57 12.77
N LEU A 160 -8.69 -0.40 13.52
CA LEU A 160 -9.41 -1.09 14.63
C LEU A 160 -8.84 -0.58 15.96
N THR A 161 -9.73 -0.11 16.82
CA THR A 161 -9.45 0.25 18.23
C THR A 161 -10.14 -0.81 19.10
N VAL A 162 -9.36 -1.61 19.83
CA VAL A 162 -9.90 -2.65 20.75
C VAL A 162 -9.97 -2.06 22.15
N ASP A 163 -11.13 -2.08 22.81
CA ASP A 163 -11.22 -1.77 24.26
C ASP A 163 -10.83 -3.06 24.98
N ARG A 164 -9.54 -3.18 25.31
CA ARG A 164 -8.93 -4.48 25.67
C ARG A 164 -9.36 -4.90 27.08
N ARG A 165 -9.96 -4.01 27.87
CA ARG A 165 -10.46 -4.33 29.22
C ARG A 165 -11.62 -5.33 29.16
N PHE A 166 -12.43 -5.29 28.11
CA PHE A 166 -13.60 -6.19 27.94
C PHE A 166 -13.25 -7.42 27.09
N ALA A 167 -12.12 -7.43 26.39
CA ALA A 167 -11.78 -8.45 25.37
C ALA A 167 -11.47 -9.79 26.05
N ARG A 168 -12.21 -10.83 25.67
CA ARG A 168 -11.93 -12.25 26.00
C ARG A 168 -11.83 -12.99 24.68
N PHE A 169 -10.86 -13.89 24.52
CA PHE A 169 -10.74 -14.73 23.31
C PHE A 169 -11.82 -15.83 23.34
N HIS A 170 -12.42 -16.08 22.18
CA HIS A 170 -13.37 -17.18 21.89
C HIS A 170 -12.70 -18.52 22.20
N ALA A 171 -13.45 -19.52 22.64
CA ALA A 171 -12.93 -20.88 22.92
C ALA A 171 -12.23 -21.42 21.66
N ASP A 172 -12.71 -21.06 20.47
CA ASP A 172 -12.21 -21.55 19.15
C ASP A 172 -10.84 -20.91 18.80
N ALA A 173 -10.46 -19.79 19.42
CA ALA A 173 -9.23 -19.03 19.08
C ALA A 173 -8.02 -19.94 19.29
N PRO A 174 -7.02 -19.93 18.35
CA PRO A 174 -5.76 -20.66 18.55
C PRO A 174 -4.91 -20.25 19.77
N GLY A 175 -4.04 -21.16 20.22
CA GLY A 175 -2.94 -20.90 21.18
C GLY A 175 -3.40 -20.27 22.48
N GLY A 176 -4.40 -20.87 23.14
CA GLY A 176 -4.91 -20.43 24.46
C GLY A 176 -4.91 -21.55 25.48
N GLY A 177 -3.88 -22.40 25.45
CA GLY A 177 -3.73 -23.60 26.31
C GLY A 177 -2.72 -23.40 27.43
N LEU A 178 -2.36 -24.48 28.13
CA LEU A 178 -1.33 -24.52 29.21
C LEU A 178 0.07 -24.47 28.57
N GLY A 179 1.12 -24.44 29.39
CA GLY A 179 2.53 -24.35 28.95
C GLY A 179 2.92 -22.93 28.56
N GLY A 180 4.19 -22.71 28.19
CA GLY A 180 4.80 -21.39 27.92
C GLY A 180 4.26 -20.73 26.66
N SER A 181 4.15 -19.39 26.68
CA SER A 181 3.80 -18.54 25.50
C SER A 181 4.97 -18.58 24.51
N SER A 182 4.65 -18.63 23.21
CA SER A 182 5.62 -18.65 22.09
C SER A 182 6.04 -17.22 21.71
N VAL A 183 5.41 -16.20 22.31
CA VAL A 183 5.59 -14.74 22.00
C VAL A 183 6.50 -14.13 23.07
N ARG A 184 7.46 -13.30 22.65
CA ARG A 184 8.45 -12.64 23.54
C ARG A 184 8.32 -11.12 23.42
N LEU A 185 8.44 -10.40 24.54
CA LEU A 185 8.58 -8.93 24.57
C LEU A 185 10.07 -8.62 24.41
N VAL A 186 10.46 -7.80 23.43
CA VAL A 186 11.88 -7.52 23.10
C VAL A 186 12.07 -6.05 22.66
N ARG A 187 13.29 -5.53 22.81
CA ARG A 187 13.75 -4.28 22.16
C ARG A 187 13.81 -4.57 20.66
N PRO A 188 13.10 -3.79 19.81
CA PRO A 188 13.14 -4.00 18.36
C PRO A 188 14.56 -4.07 17.77
N THR A 189 15.46 -3.23 18.29
CA THR A 189 16.79 -2.96 17.71
C THR A 189 17.72 -4.16 17.88
N GLU A 190 17.34 -5.16 18.68
CA GLU A 190 18.19 -6.35 19.00
C GLU A 190 17.70 -7.58 18.25
N HIS A 191 16.64 -7.46 17.45
CA HIS A 191 16.02 -8.58 16.70
C HIS A 191 15.67 -8.11 15.28
N ARG A 192 16.58 -7.34 14.67
CA ARG A 192 16.42 -6.82 13.29
C ARG A 192 16.26 -7.98 12.31
N GLY A 193 17.18 -8.95 12.32
CA GLY A 193 17.21 -10.08 11.38
C GLY A 193 15.91 -10.88 11.37
N GLU A 194 15.36 -11.16 12.56
CA GLU A 194 14.11 -11.93 12.73
C GLU A 194 12.97 -11.10 12.11
N PHE A 195 12.90 -9.79 12.39
CA PHE A 195 11.85 -8.90 11.84
C PHE A 195 11.94 -8.92 10.32
N GLU A 196 13.15 -8.70 9.78
CA GLU A 196 13.45 -8.69 8.31
C GLU A 196 12.97 -10.01 7.67
N ALA A 197 13.37 -11.15 8.23
CA ALA A 197 13.06 -12.50 7.71
C ALA A 197 11.53 -12.73 7.71
N ILE A 198 10.82 -12.29 8.76
CA ILE A 198 9.34 -12.49 8.85
C ILE A 198 8.68 -11.59 7.81
N TYR A 199 9.10 -10.33 7.72
CA TYR A 199 8.51 -9.34 6.78
C TYR A 199 8.71 -9.85 5.35
N GLU A 200 9.90 -10.38 5.05
CA GLU A 200 10.27 -10.89 3.71
C GLU A 200 9.29 -12.02 3.32
N ARG A 201 9.00 -12.92 4.25
CA ARG A 201 8.01 -14.01 4.06
C ARG A 201 6.63 -13.40 3.82
N TRP A 202 6.25 -12.43 4.67
CA TRP A 202 4.92 -11.77 4.61
C TRP A 202 4.73 -11.10 3.23
N ARG A 203 5.72 -10.33 2.76
CA ARG A 203 5.58 -9.45 1.58
C ARG A 203 5.48 -10.28 0.28
N GLN A 204 6.16 -11.42 0.22
CA GLN A 204 6.18 -12.32 -0.97
C GLN A 204 4.83 -13.03 -1.12
N GLN A 205 4.05 -13.05 -0.03
CA GLN A 205 2.90 -13.94 0.16
C GLN A 205 1.59 -13.15 0.08
N VAL A 206 1.62 -11.82 0.22
CA VAL A 206 0.39 -10.98 0.41
C VAL A 206 0.31 -9.92 -0.68
N PRO A 207 -0.77 -9.86 -1.51
CA PRO A 207 -0.95 -8.74 -2.45
C PRO A 207 -0.91 -7.39 -1.72
N GLY A 208 -0.19 -6.41 -2.28
CA GLY A 208 0.10 -5.12 -1.65
C GLY A 208 1.45 -5.13 -0.95
N GLY A 209 2.06 -6.31 -0.81
CA GLY A 209 3.41 -6.49 -0.24
C GLY A 209 4.45 -5.71 -1.03
N LEU A 210 5.34 -5.01 -0.35
CA LEU A 210 6.52 -4.33 -0.94
C LEU A 210 7.80 -4.89 -0.32
N LEU A 211 8.82 -5.15 -1.14
CA LEU A 211 10.20 -5.35 -0.66
C LEU A 211 10.55 -4.10 0.18
N ARG A 212 10.95 -4.30 1.43
CA ARG A 212 11.50 -3.23 2.30
C ARG A 212 13.02 -3.32 2.22
N PRO A 213 13.71 -2.39 1.52
CA PRO A 213 15.18 -2.39 1.45
C PRO A 213 15.87 -2.01 2.77
N GLN A 214 17.16 -2.36 2.90
CA GLN A 214 18.00 -2.16 4.11
C GLN A 214 17.79 -0.75 4.67
N VAL A 215 17.80 0.28 3.82
CA VAL A 215 17.77 1.70 4.26
C VAL A 215 16.43 2.05 4.90
N LEU A 216 15.35 1.31 4.62
CA LEU A 216 14.03 1.55 5.27
C LEU A 216 13.94 0.80 6.60
N TRP A 217 14.66 -0.33 6.72
CA TRP A 217 14.88 -1.02 8.02
C TRP A 217 15.75 -0.14 8.93
N ASP A 218 16.72 0.58 8.37
CA ASP A 218 17.52 1.57 9.13
C ASP A 218 16.55 2.63 9.69
N GLU A 219 15.65 3.14 8.86
CA GLU A 219 14.77 4.27 9.25
C GLU A 219 13.71 3.79 10.24
N LEU A 220 13.18 2.58 10.07
CA LEU A 220 12.10 2.04 10.94
C LEU A 220 12.63 1.93 12.39
N LEU A 221 13.85 1.44 12.55
CA LEU A 221 14.44 1.16 13.89
C LEU A 221 14.96 2.45 14.54
N ALA A 222 15.24 3.50 13.77
CA ALA A 222 15.65 4.83 14.28
C ALA A 222 14.46 5.47 14.99
N GLU A 223 13.27 5.34 14.40
CA GLU A 223 11.99 5.87 14.92
C GLU A 223 11.45 4.96 16.03
N ALA A 224 12.09 3.82 16.30
CA ALA A 224 11.69 2.87 17.37
C ALA A 224 12.13 3.40 18.74
N LYS A 225 13.12 4.29 18.78
CA LYS A 225 13.68 4.84 20.05
C LYS A 225 12.91 6.11 20.41
N ALA A 226 12.83 6.42 21.71
CA ALA A 226 12.18 7.62 22.28
C ALA A 226 12.93 8.88 21.83
N ALA A 227 12.17 9.90 21.41
CA ALA A 227 12.65 11.25 21.05
C ALA A 227 12.29 12.21 22.17
N PRO A 228 13.17 13.20 22.50
CA PRO A 228 12.83 14.21 23.53
C PRO A 228 11.64 15.06 23.05
N GLY A 229 10.56 15.05 23.83
CA GLY A 229 9.30 15.74 23.48
C GLY A 229 8.71 15.24 22.17
N GLY A 230 9.06 14.02 21.76
CA GLY A 230 8.51 13.34 20.56
C GLY A 230 7.72 12.10 20.95
N ASP A 231 7.97 10.99 20.24
CA ASP A 231 7.31 9.67 20.44
C ASP A 231 8.01 8.95 21.60
N ARG A 232 7.34 7.95 22.19
CA ARG A 232 7.85 7.12 23.31
C ARG A 232 8.61 5.91 22.74
N GLU A 233 9.33 5.19 23.59
CA GLU A 233 10.08 3.97 23.18
C GLU A 233 9.07 2.99 22.54
N SER A 234 9.43 2.42 21.39
CA SER A 234 8.71 1.28 20.76
C SER A 234 9.23 -0.04 21.34
N PHE A 235 8.31 -0.96 21.60
CA PHE A 235 8.62 -2.36 21.97
C PHE A 235 8.11 -3.26 20.86
N ALA A 236 8.59 -4.50 20.87
CA ALA A 236 8.21 -5.55 19.92
C ALA A 236 7.69 -6.76 20.68
N LEU A 237 6.70 -7.44 20.09
CA LEU A 237 6.26 -8.79 20.46
C LEU A 237 6.65 -9.71 19.30
N LEU A 238 7.49 -10.70 19.57
CA LEU A 238 8.18 -11.53 18.55
C LEU A 238 7.72 -12.98 18.71
N HIS A 239 7.12 -13.51 17.64
CA HIS A 239 6.75 -14.93 17.42
C HIS A 239 7.67 -15.47 16.31
N PRO A 240 7.94 -16.79 16.26
CA PRO A 240 8.71 -17.36 15.16
C PRO A 240 8.17 -16.98 13.77
N ASP A 241 6.85 -16.78 13.64
CA ASP A 241 6.15 -16.53 12.36
C ASP A 241 5.40 -15.19 12.37
N GLY A 242 5.88 -14.20 13.12
CA GLY A 242 5.15 -12.93 13.25
C GLY A 242 5.76 -12.00 14.27
N TYR A 243 5.49 -10.70 14.14
CA TYR A 243 5.87 -9.67 15.12
C TYR A 243 4.88 -8.52 15.04
N ALA A 244 4.84 -7.72 16.11
CA ALA A 244 4.11 -6.45 16.28
C ALA A 244 5.07 -5.43 16.90
N LEU A 245 5.25 -4.26 16.28
CA LEU A 245 5.89 -3.08 16.91
C LEU A 245 4.77 -2.18 17.40
N TYR A 246 4.91 -1.67 18.62
CA TYR A 246 3.85 -0.89 19.31
C TYR A 246 4.56 0.15 20.17
N ARG A 247 3.84 1.21 20.51
CA ARG A 247 4.30 2.28 21.43
C ARG A 247 3.07 2.92 22.08
N VAL A 248 3.19 3.34 23.33
CA VAL A 248 2.14 4.17 23.97
C VAL A 248 2.10 5.53 23.26
N ASP A 249 0.90 6.05 23.05
CA ASP A 249 0.64 7.36 22.39
C ASP A 249 1.26 8.49 23.21
N ARG A 250 1.74 9.54 22.54
CA ARG A 250 2.36 10.74 23.16
C ARG A 250 1.53 11.27 24.33
N THR A 251 0.22 11.48 24.12
CA THR A 251 -0.66 12.25 25.03
C THR A 251 -1.70 11.35 25.70
N ASP A 252 -2.30 10.40 24.96
CA ASP A 252 -3.24 9.39 25.53
C ASP A 252 -2.41 8.21 26.07
N LEU A 253 -2.12 8.19 27.37
CA LEU A 253 -1.20 7.22 28.02
C LEU A 253 -1.90 5.88 28.24
N LYS A 254 -3.20 5.79 27.98
CA LYS A 254 -3.98 4.52 28.06
C LYS A 254 -4.21 3.94 26.65
N LEU A 255 -3.61 4.51 25.60
CA LEU A 255 -3.70 4.01 24.20
C LEU A 255 -2.34 3.44 23.72
N ALA A 256 -2.32 2.19 23.25
CA ALA A 256 -1.15 1.58 22.57
C ALA A 256 -1.39 1.58 21.06
N ARG A 257 -0.45 2.15 20.31
CA ARG A 257 -0.53 2.24 18.83
C ARG A 257 0.39 1.17 18.25
N VAL A 258 -0.19 0.11 17.70
CA VAL A 258 0.52 -0.89 16.86
C VAL A 258 0.91 -0.21 15.56
N SER A 259 2.19 0.12 15.39
CA SER A 259 2.71 0.76 14.14
C SER A 259 2.70 -0.25 12.99
N GLU A 260 2.80 -1.55 13.29
CA GLU A 260 3.05 -2.63 12.30
C GLU A 260 2.88 -4.00 12.96
N LEU A 261 2.11 -4.89 12.34
CA LEU A 261 1.94 -6.29 12.76
C LEU A 261 1.98 -7.18 11.51
N ARG A 262 3.03 -7.96 11.36
CA ARG A 262 3.23 -8.92 10.24
C ARG A 262 3.20 -10.35 10.82
N ALA A 263 2.22 -11.12 10.39
CA ALA A 263 2.03 -12.53 10.76
C ALA A 263 1.87 -13.33 9.48
N VAL A 264 2.58 -14.46 9.41
CA VAL A 264 2.66 -15.38 8.25
C VAL A 264 1.64 -16.51 8.43
N THR A 265 1.25 -16.80 9.67
CA THR A 265 0.33 -17.90 10.05
C THR A 265 -0.72 -17.34 11.00
N ALA A 266 -1.89 -17.96 11.04
CA ALA A 266 -3.01 -17.56 11.92
C ALA A 266 -2.57 -17.70 13.38
N ASP A 267 -1.85 -18.78 13.71
CA ASP A 267 -1.32 -19.02 15.07
C ASP A 267 -0.56 -17.77 15.54
N ALA A 268 0.27 -17.18 14.67
CA ALA A 268 1.13 -16.01 14.99
C ALA A 268 0.27 -14.76 15.22
N HIS A 269 -0.75 -14.57 14.37
CA HIS A 269 -1.69 -13.43 14.44
C HIS A 269 -2.42 -13.45 15.78
N CYS A 270 -2.95 -14.61 16.16
CA CYS A 270 -3.71 -14.82 17.42
C CYS A 270 -2.78 -14.65 18.62
N ALA A 271 -1.62 -15.30 18.59
CA ALA A 271 -0.63 -15.30 19.68
C ALA A 271 -0.24 -13.85 19.97
N LEU A 272 0.00 -13.08 18.91
CA LEU A 272 0.47 -11.67 19.02
C LEU A 272 -0.64 -10.82 19.63
N TRP A 273 -1.89 -11.07 19.25
CA TRP A 273 -3.07 -10.32 19.76
C TRP A 273 -3.39 -10.71 21.21
N ARG A 274 -3.18 -11.96 21.60
CA ARG A 274 -3.26 -12.36 23.03
C ARG A 274 -2.26 -11.51 23.82
N ALA A 275 -1.05 -11.33 23.30
CA ALA A 275 0.00 -10.54 23.98
C ALA A 275 -0.43 -9.07 24.06
N LEU A 276 -1.00 -8.51 22.98
CA LEU A 276 -1.43 -7.09 22.95
C LEU A 276 -2.58 -6.85 23.94
N ILE A 277 -3.59 -7.73 23.94
CA ILE A 277 -4.71 -7.70 24.92
C ILE A 277 -4.14 -7.83 26.35
N GLY A 278 -2.95 -8.41 26.51
CA GLY A 278 -2.25 -8.54 27.82
C GLY A 278 -1.54 -7.26 28.27
N LEU A 279 -1.57 -6.17 27.51
CA LEU A 279 -1.02 -4.86 27.97
C LEU A 279 -2.02 -4.25 28.97
N ASP A 280 -2.00 -4.74 30.21
CA ASP A 280 -3.04 -4.52 31.24
C ASP A 280 -3.08 -3.05 31.69
N SER A 281 -2.02 -2.26 31.50
CA SER A 281 -2.00 -0.82 31.84
C SER A 281 -2.62 0.03 30.71
N MET A 282 -2.99 -0.58 29.56
CA MET A 282 -3.66 0.15 28.45
C MET A 282 -5.17 -0.10 28.52
N GLU A 283 -5.97 0.90 28.16
CA GLU A 283 -7.44 0.77 27.96
C GLU A 283 -7.73 0.27 26.55
N ARG A 284 -6.97 0.78 25.57
CA ARG A 284 -7.25 0.67 24.12
C ARG A 284 -5.96 0.32 23.36
N ILE A 285 -6.09 -0.58 22.38
CA ILE A 285 -5.07 -0.97 21.36
C ILE A 285 -5.62 -0.53 20.01
N SER A 286 -4.86 0.28 19.25
CA SER A 286 -5.25 0.76 17.90
C SER A 286 -4.27 0.22 16.87
N ILE A 287 -4.77 -0.11 15.68
CA ILE A 287 -3.94 -0.64 14.57
C ILE A 287 -4.58 -0.21 13.25
N ILE A 288 -3.76 0.22 12.30
CA ILE A 288 -4.16 0.35 10.88
C ILE A 288 -3.90 -1.02 10.23
N THR A 289 -4.99 -1.68 9.81
CA THR A 289 -5.01 -3.03 9.22
C THR A 289 -5.88 -2.95 7.96
N HIS A 290 -6.50 -4.06 7.57
CA HIS A 290 -7.27 -4.19 6.31
C HIS A 290 -8.67 -4.69 6.62
N PRO A 291 -9.64 -4.55 5.68
CA PRO A 291 -11.03 -4.93 5.95
C PRO A 291 -11.23 -6.39 6.39
N GLN A 292 -10.34 -7.30 5.96
CA GLN A 292 -10.51 -8.76 6.21
C GLN A 292 -9.66 -9.20 7.41
N ASP A 293 -9.17 -8.29 8.26
CA ASP A 293 -8.44 -8.67 9.50
C ASP A 293 -9.34 -9.59 10.34
N PRO A 294 -8.92 -10.85 10.65
CA PRO A 294 -9.75 -11.75 11.46
C PRO A 294 -9.94 -11.38 12.95
N LEU A 295 -9.24 -10.35 13.45
CA LEU A 295 -9.21 -10.01 14.90
C LEU A 295 -10.61 -10.02 15.51
N PRO A 296 -11.64 -9.41 14.88
CA PRO A 296 -12.95 -9.34 15.51
C PRO A 296 -13.47 -10.74 15.87
N HIS A 297 -13.20 -11.72 15.01
CA HIS A 297 -13.69 -13.11 15.09
C HIS A 297 -12.91 -13.91 16.14
N LEU A 298 -11.79 -13.37 16.63
CA LEU A 298 -10.98 -14.00 17.72
C LEU A 298 -11.63 -13.74 19.08
N LEU A 299 -12.54 -12.77 19.18
CA LEU A 299 -13.13 -12.29 20.46
C LEU A 299 -14.56 -12.81 20.63
N THR A 300 -15.00 -12.99 21.87
CA THR A 300 -16.40 -13.39 22.18
C THR A 300 -17.35 -12.27 21.74
N ASP A 301 -16.89 -11.02 21.78
CA ASP A 301 -17.67 -9.83 21.36
C ASP A 301 -16.94 -9.16 20.18
N THR A 302 -17.35 -9.48 18.95
CA THR A 302 -16.75 -8.95 17.70
C THR A 302 -16.79 -7.42 17.70
N ARG A 303 -17.71 -6.83 18.44
CA ARG A 303 -17.96 -5.37 18.44
C ARG A 303 -16.84 -4.61 19.19
N LEU A 304 -16.03 -5.32 19.99
CA LEU A 304 -14.95 -4.71 20.82
C LEU A 304 -13.82 -4.22 19.92
N ALA A 305 -13.71 -4.76 18.71
CA ALA A 305 -12.77 -4.29 17.67
C ALA A 305 -13.52 -3.29 16.78
N ARG A 306 -13.72 -2.06 17.27
CA ARG A 306 -14.46 -0.99 16.54
C ARG A 306 -13.59 -0.48 15.40
N THR A 307 -14.21 -0.21 14.25
CA THR A 307 -13.60 0.50 13.10
C THR A 307 -13.73 2.01 13.36
N THR A 308 -12.63 2.64 13.74
CA THR A 308 -12.54 4.09 14.08
C THR A 308 -12.26 4.93 12.83
N TRP A 309 -11.78 4.33 11.73
CA TRP A 309 -11.19 5.07 10.58
C TRP A 309 -11.01 4.17 9.35
N ARG A 310 -11.31 4.70 8.18
CA ARG A 310 -11.16 4.00 6.88
C ARG A 310 -10.66 4.98 5.84
N GLN A 311 -9.75 4.55 4.98
CA GLN A 311 -9.14 5.43 3.95
C GLN A 311 -8.47 4.57 2.88
N ASP A 312 -8.35 5.13 1.67
CA ASP A 312 -7.52 4.61 0.56
C ASP A 312 -6.09 4.43 1.08
N GLY A 313 -5.45 3.31 0.74
CA GLY A 313 -4.02 3.06 0.98
C GLY A 313 -3.21 3.29 -0.28
N LEU A 314 -2.74 2.22 -0.91
CA LEU A 314 -1.93 2.27 -2.15
C LEU A 314 -2.86 2.60 -3.33
N TRP A 315 -2.44 3.55 -4.17
CA TRP A 315 -3.07 3.83 -5.48
C TRP A 315 -2.21 3.20 -6.57
N LEU A 316 -2.83 2.60 -7.58
CA LEU A 316 -2.15 2.00 -8.74
C LEU A 316 -2.55 2.74 -10.02
N ARG A 317 -1.55 3.08 -10.84
CA ARG A 317 -1.73 3.38 -12.27
C ARG A 317 -1.12 2.22 -13.08
N ILE A 318 -1.98 1.49 -13.79
CA ILE A 318 -1.58 0.45 -14.78
C ILE A 318 -0.95 1.17 -15.99
N MET A 319 0.36 1.00 -16.21
CA MET A 319 1.16 1.68 -17.26
C MET A 319 0.99 0.92 -18.58
N ASN A 320 1.08 -0.41 -18.51
CA ASN A 320 0.92 -1.36 -19.65
C ASN A 320 -0.21 -2.34 -19.30
N VAL A 321 -1.36 -2.23 -19.98
CA VAL A 321 -2.60 -2.98 -19.62
C VAL A 321 -2.37 -4.46 -19.88
N PRO A 322 -1.95 -4.88 -21.09
CA PRO A 322 -1.74 -6.31 -21.35
C PRO A 322 -0.69 -6.94 -20.41
N ALA A 323 0.40 -6.24 -20.11
CA ALA A 323 1.49 -6.76 -19.24
C ALA A 323 0.95 -7.01 -17.83
N ALA A 324 0.29 -6.02 -17.23
CA ALA A 324 -0.28 -6.11 -15.86
C ALA A 324 -1.34 -7.20 -15.81
N LEU A 325 -2.29 -7.22 -16.75
CA LEU A 325 -3.42 -8.19 -16.71
C LEU A 325 -2.86 -9.61 -16.89
N GLU A 326 -1.83 -9.78 -17.70
CA GLU A 326 -1.26 -11.13 -17.97
C GLU A 326 -0.43 -11.60 -16.78
N ALA A 327 0.14 -10.68 -16.00
CA ALA A 327 1.17 -10.99 -14.97
C ALA A 327 0.54 -11.58 -13.71
N ARG A 328 -0.66 -11.14 -13.32
CA ARG A 328 -1.30 -11.53 -12.03
C ARG A 328 -2.11 -12.82 -12.23
N GLY A 329 -2.36 -13.52 -11.13
CA GLY A 329 -3.19 -14.74 -11.09
C GLY A 329 -4.66 -14.38 -10.90
N TYR A 330 -5.55 -15.23 -11.39
CA TYR A 330 -7.03 -15.04 -11.31
C TYR A 330 -7.61 -16.23 -10.55
N ALA A 331 -8.78 -16.02 -9.93
CA ALA A 331 -9.51 -17.05 -9.17
C ALA A 331 -9.68 -18.28 -10.06
N HIS A 332 -9.23 -19.46 -9.60
CA HIS A 332 -9.41 -20.77 -10.30
C HIS A 332 -10.89 -21.18 -10.29
N GLU A 333 -11.74 -20.56 -9.47
CA GLU A 333 -13.14 -21.03 -9.27
C GLU A 333 -13.94 -20.74 -10.54
N VAL A 334 -13.90 -19.51 -11.05
CA VAL A 334 -14.64 -19.08 -12.26
C VAL A 334 -14.08 -19.84 -13.48
N GLY A 335 -14.96 -20.37 -14.33
CA GLY A 335 -14.56 -21.11 -15.53
C GLY A 335 -14.03 -20.18 -16.59
N GLU A 336 -13.35 -20.72 -17.61
CA GLU A 336 -12.85 -19.95 -18.77
C GLU A 336 -13.97 -19.07 -19.34
N PHE A 337 -13.62 -17.84 -19.72
CA PHE A 337 -14.49 -16.87 -20.44
C PHE A 337 -13.61 -15.85 -21.18
N SER A 338 -14.20 -15.22 -22.21
CA SER A 338 -13.57 -14.16 -23.06
C SER A 338 -14.45 -12.91 -23.07
N THR A 339 -13.84 -11.74 -23.17
CA THR A 339 -14.55 -10.46 -23.33
C THR A 339 -13.63 -9.50 -24.08
N VAL A 340 -14.13 -8.32 -24.42
CA VAL A 340 -13.33 -7.21 -24.99
C VAL A 340 -13.38 -6.08 -23.97
N LEU A 341 -12.23 -5.78 -23.35
CA LEU A 341 -12.04 -4.64 -22.43
C LEU A 341 -11.49 -3.46 -23.23
N GLU A 342 -12.15 -2.30 -23.12
CA GLU A 342 -11.59 -0.99 -23.52
C GLU A 342 -11.22 -0.19 -22.27
N VAL A 343 -9.97 0.24 -22.19
CA VAL A 343 -9.50 1.31 -21.27
C VAL A 343 -9.55 2.61 -22.07
N SER A 344 -10.17 3.67 -21.52
CA SER A 344 -10.25 5.02 -22.12
C SER A 344 -8.84 5.52 -22.45
N ASP A 345 -8.61 5.92 -23.70
CA ASP A 345 -7.28 6.40 -24.18
C ASP A 345 -6.20 5.50 -23.53
N GLY A 346 -6.33 4.18 -23.67
CA GLY A 346 -5.42 3.19 -23.06
C GLY A 346 -5.39 1.85 -23.81
N GLY A 347 -6.19 1.72 -24.88
CA GLY A 347 -6.22 0.55 -25.79
C GLY A 347 -7.50 -0.27 -25.66
N ARG A 348 -7.72 -1.20 -26.60
CA ARG A 348 -8.79 -2.22 -26.52
C ARG A 348 -8.19 -3.61 -26.69
N PHE A 349 -8.65 -4.56 -25.87
CA PHE A 349 -8.04 -5.91 -25.74
C PHE A 349 -9.10 -7.01 -25.72
N ALA A 350 -8.79 -8.10 -26.40
CA ALA A 350 -9.47 -9.39 -26.23
C ALA A 350 -8.88 -10.03 -24.96
N LEU A 351 -9.68 -10.07 -23.90
CA LEU A 351 -9.28 -10.58 -22.56
C LEU A 351 -9.87 -11.98 -22.42
N LYS A 352 -9.01 -12.99 -22.24
CA LYS A 352 -9.40 -14.41 -22.09
C LYS A 352 -8.81 -14.91 -20.76
N ILE A 353 -9.66 -15.34 -19.82
CA ILE A 353 -9.26 -15.80 -18.46
C ILE A 353 -9.72 -17.25 -18.28
N GLY A 354 -8.82 -18.13 -17.84
CA GLY A 354 -9.13 -19.52 -17.47
C GLY A 354 -7.94 -20.17 -16.80
N ASP A 355 -8.17 -21.16 -15.94
CA ASP A 355 -7.13 -21.82 -15.12
C ASP A 355 -6.27 -20.76 -14.42
N GLY A 356 -6.91 -19.68 -13.95
CA GLY A 356 -6.28 -18.61 -13.13
C GLY A 356 -5.23 -17.80 -13.88
N ARG A 357 -5.13 -17.91 -15.21
CA ARG A 357 -4.22 -17.09 -16.07
C ARG A 357 -5.06 -16.23 -17.01
N ALA A 358 -4.50 -15.15 -17.55
CA ALA A 358 -5.14 -14.29 -18.56
C ALA A 358 -4.21 -14.10 -19.76
N ARG A 359 -4.76 -14.23 -20.97
CA ARG A 359 -4.19 -13.74 -22.25
C ARG A 359 -4.95 -12.47 -22.65
N CYS A 360 -4.22 -11.38 -22.90
CA CYS A 360 -4.75 -10.01 -23.16
C CYS A 360 -4.10 -9.45 -24.45
N THR A 361 -4.82 -9.48 -25.58
CA THR A 361 -4.26 -9.22 -26.93
C THR A 361 -4.97 -8.05 -27.61
N PRO A 362 -4.27 -7.33 -28.49
CA PRO A 362 -4.88 -6.24 -29.25
C PRO A 362 -6.05 -6.81 -30.08
N THR A 363 -7.11 -6.04 -30.18
CA THR A 363 -8.33 -6.34 -30.99
C THR A 363 -8.98 -5.01 -31.35
N ASP A 364 -9.77 -4.98 -32.42
CA ASP A 364 -10.68 -3.86 -32.75
C ASP A 364 -12.13 -4.35 -32.70
N ALA A 365 -12.40 -5.59 -32.28
CA ALA A 365 -13.77 -6.08 -32.02
C ALA A 365 -14.51 -5.09 -31.11
N ALA A 366 -15.83 -5.00 -31.25
CA ALA A 366 -16.69 -4.12 -30.42
C ALA A 366 -16.41 -4.39 -28.94
N ALA A 367 -16.26 -3.33 -28.13
CA ALA A 367 -15.99 -3.44 -26.68
C ALA A 367 -17.26 -3.92 -25.96
N GLU A 368 -17.10 -4.82 -24.99
CA GLU A 368 -18.19 -5.31 -24.11
C GLU A 368 -18.11 -4.66 -22.73
N ILE A 369 -16.94 -4.15 -22.34
CA ILE A 369 -16.71 -3.50 -21.01
C ILE A 369 -15.74 -2.33 -21.23
N GLU A 370 -16.10 -1.14 -20.76
CA GLU A 370 -15.27 0.10 -20.83
C GLU A 370 -15.02 0.62 -19.41
N MET A 371 -13.85 1.21 -19.18
CA MET A 371 -13.50 1.88 -17.91
C MET A 371 -12.29 2.80 -18.14
N ASP A 372 -12.16 3.87 -17.36
CA ASP A 372 -10.95 4.72 -17.32
C ASP A 372 -9.81 3.89 -16.72
N ARG A 373 -8.55 4.27 -16.98
CA ARG A 373 -7.35 3.56 -16.52
C ARG A 373 -7.36 3.39 -14.99
N ASP A 374 -7.82 4.40 -14.24
CA ASP A 374 -7.79 4.44 -12.76
C ASP A 374 -8.64 3.30 -12.19
N VAL A 375 -9.78 3.03 -12.83
CA VAL A 375 -10.76 1.98 -12.40
C VAL A 375 -10.04 0.63 -12.42
N LEU A 376 -9.25 0.37 -13.45
CA LEU A 376 -8.53 -0.91 -13.59
C LEU A 376 -7.56 -1.02 -12.41
N GLY A 377 -6.82 0.05 -12.12
CA GLY A 377 -5.99 0.16 -10.91
C GLY A 377 -6.73 -0.39 -9.69
N SER A 378 -7.95 0.09 -9.45
CA SER A 378 -8.77 -0.25 -8.26
C SER A 378 -9.24 -1.71 -8.29
N LEU A 379 -9.47 -2.30 -9.46
CA LEU A 379 -9.84 -3.73 -9.59
C LEU A 379 -8.60 -4.61 -9.35
N TYR A 380 -7.42 -4.13 -9.71
CA TYR A 380 -6.24 -4.96 -10.05
C TYR A 380 -5.80 -5.83 -8.86
N LEU A 381 -5.80 -5.32 -7.62
CA LEU A 381 -5.36 -6.07 -6.41
C LEU A 381 -6.55 -6.74 -5.70
N GLY A 382 -7.79 -6.55 -6.15
CA GLY A 382 -8.96 -7.29 -5.64
C GLY A 382 -9.71 -6.57 -4.54
N ALA A 383 -9.34 -5.34 -4.19
CA ALA A 383 -9.93 -4.60 -3.05
C ALA A 383 -11.30 -4.03 -3.41
N HIS A 384 -11.55 -3.75 -4.69
CA HIS A 384 -12.85 -3.23 -5.17
C HIS A 384 -13.45 -4.24 -6.15
N ARG A 385 -14.77 -4.43 -6.07
CA ARG A 385 -15.54 -5.36 -6.92
C ARG A 385 -16.02 -4.59 -8.15
N ALA A 386 -15.90 -5.18 -9.34
CA ALA A 386 -16.37 -4.60 -10.62
C ALA A 386 -17.86 -4.22 -10.52
N SER A 387 -18.67 -5.05 -9.83
CA SER A 387 -20.10 -4.80 -9.51
C SER A 387 -20.30 -3.40 -8.91
N THR A 388 -19.55 -3.10 -7.85
CA THR A 388 -19.59 -1.82 -7.10
C THR A 388 -19.22 -0.67 -8.04
N LEU A 389 -18.20 -0.82 -8.87
CA LEU A 389 -17.76 0.26 -9.78
C LEU A 389 -18.75 0.40 -10.95
N ALA A 390 -19.40 -0.69 -11.35
CA ALA A 390 -20.49 -0.66 -12.37
C ALA A 390 -21.68 0.15 -11.84
N ALA A 391 -22.09 -0.09 -10.59
CA ALA A 391 -23.23 0.58 -9.94
C ALA A 391 -23.03 2.11 -9.98
N ALA A 392 -21.77 2.58 -9.95
CA ALA A 392 -21.41 4.00 -9.98
C ALA A 392 -21.18 4.47 -11.43
N ASN A 393 -21.26 3.54 -12.38
CA ASN A 393 -21.03 3.79 -13.83
C ASN A 393 -19.58 4.23 -14.07
N ARG A 394 -18.63 3.88 -13.18
CA ARG A 394 -17.18 4.04 -13.44
C ARG A 394 -16.72 2.99 -14.45
N LEU A 395 -17.52 1.93 -14.56
CA LEU A 395 -17.24 0.70 -15.37
C LEU A 395 -18.54 0.33 -16.10
N ARG A 396 -18.57 0.45 -17.42
CA ARG A 396 -19.77 0.23 -18.27
C ARG A 396 -19.69 -1.16 -18.94
N THR A 397 -20.75 -1.94 -18.82
CA THR A 397 -21.04 -3.11 -19.68
C THR A 397 -22.57 -3.25 -19.78
N LYS A 398 -23.08 -4.05 -20.70
CA LYS A 398 -24.54 -4.31 -20.83
C LYS A 398 -24.85 -5.74 -20.36
N ASP A 399 -23.81 -6.58 -20.19
CA ASP A 399 -23.93 -7.98 -19.71
C ASP A 399 -23.56 -8.05 -18.22
N SER A 400 -24.51 -8.42 -17.36
CA SER A 400 -24.29 -8.52 -15.89
C SER A 400 -23.71 -9.90 -15.53
N GLN A 401 -23.84 -10.87 -16.43
CA GLN A 401 -23.11 -12.17 -16.34
C GLN A 401 -21.60 -11.92 -16.38
N LEU A 402 -21.11 -11.09 -17.31
CA LEU A 402 -19.67 -10.74 -17.42
C LEU A 402 -19.21 -10.01 -16.14
N LEU A 403 -20.05 -9.13 -15.60
CA LEU A 403 -19.80 -8.37 -14.34
C LEU A 403 -19.54 -9.37 -13.20
N ARG A 404 -20.41 -10.38 -13.03
CA ARG A 404 -20.25 -11.42 -11.99
C ARG A 404 -18.93 -12.16 -12.22
N ARG A 405 -18.64 -12.46 -13.49
CA ARG A 405 -17.42 -13.19 -13.92
C ARG A 405 -16.16 -12.38 -13.64
N LEU A 406 -16.18 -11.06 -13.86
CA LEU A 406 -15.05 -10.15 -13.53
C LEU A 406 -14.86 -10.10 -12.02
N ASP A 407 -15.93 -9.83 -11.27
CA ASP A 407 -15.93 -9.81 -9.79
C ASP A 407 -15.16 -11.03 -9.26
N ALA A 408 -15.53 -12.21 -9.75
CA ALA A 408 -15.02 -13.51 -9.26
C ALA A 408 -13.56 -13.67 -9.69
N ALA A 409 -13.27 -13.41 -10.96
CA ALA A 409 -11.94 -13.58 -11.57
C ALA A 409 -10.90 -12.72 -10.85
N PHE A 410 -11.20 -11.44 -10.59
CA PHE A 410 -10.24 -10.42 -10.11
C PHE A 410 -10.08 -10.49 -8.58
N ALA A 411 -10.89 -11.30 -7.91
CA ALA A 411 -10.82 -11.53 -6.45
C ALA A 411 -9.47 -12.19 -6.11
N SER A 412 -8.89 -11.82 -4.96
CA SER A 412 -7.69 -12.46 -4.36
C SER A 412 -8.12 -13.42 -3.25
N ASP A 413 -7.68 -14.67 -3.32
CA ASP A 413 -7.96 -15.70 -2.30
C ASP A 413 -7.32 -15.20 -0.99
N VAL A 414 -6.08 -14.67 -1.06
CA VAL A 414 -5.40 -13.98 0.07
C VAL A 414 -5.81 -12.52 0.08
N PRO A 415 -6.38 -11.99 1.18
CA PRO A 415 -6.83 -10.59 1.22
C PRO A 415 -5.70 -9.58 0.97
N VAL A 416 -5.98 -8.53 0.19
CA VAL A 416 -5.02 -7.44 -0.13
C VAL A 416 -4.82 -6.59 1.13
N GLN A 417 -3.56 -6.29 1.44
CA GLN A 417 -3.10 -5.53 2.62
C GLN A 417 -2.21 -4.37 2.13
N THR A 418 -1.84 -3.46 3.03
CA THR A 418 -1.00 -2.27 2.71
C THR A 418 0.35 -2.44 3.41
N ALA A 419 1.45 -2.34 2.68
CA ALA A 419 2.80 -2.66 3.18
C ALA A 419 3.30 -1.50 4.05
N PHE A 420 3.82 -0.44 3.44
CA PHE A 420 4.31 0.76 4.16
C PHE A 420 4.03 1.96 3.28
N GLU A 421 3.77 3.11 3.88
CA GLU A 421 3.62 4.39 3.17
C GLU A 421 4.98 4.78 2.61
N PHE A 422 4.96 5.36 1.41
CA PHE A 422 6.10 6.00 0.71
C PHE A 422 5.56 7.25 0.00
C11 RNJ B . 1.94 10.36 1.26
C12 RNJ B . 1.47 11.49 2.02
C13 RNJ B . 2.55 12.19 2.68
C14 RNJ B . 3.48 11.27 3.53
C16 RNJ B . 10.91 10.51 2.41
C17 RNJ B . 10.59 9.98 1.16
N01 RNJ B . 9.04 8.53 -0.17
C02 RNJ B . 9.47 9.14 1.06
N03 RNJ B . 8.78 8.89 2.14
C04 RNJ B . 9.13 9.41 3.32
S05 RNJ B . 8.16 8.95 4.77
C06 RNJ B . 6.43 9.46 4.68
C07 RNJ B . 5.59 8.68 3.68
C08 RNJ B . 4.13 9.20 3.78
N09 RNJ B . 3.81 9.99 2.92
C10 RNJ B . 2.73 9.40 2.15
N15 RNJ B . 10.16 10.20 3.47
C18 RNJ B . 11.53 10.43 0.04
C19 RNJ B . 12.52 11.30 0.60
C20 RNJ B . 13.61 11.94 -0.24
C21 RNJ B . 13.92 11.11 -1.48
C22 RNJ B . 14.67 12.01 -2.44
C23 RNJ B . 12.71 10.58 -2.24
C24 RNJ B . 11.51 10.06 -1.44
S25 RNJ B . 12.26 11.48 2.25
C1 PEG C . -3.93 -9.73 8.83
O1 PEG C . -4.60 -10.93 9.14
C2 PEG C . -2.51 -9.72 9.31
O2 PEG C . -2.31 -8.66 10.24
C3 PEG C . -2.16 -7.38 9.63
C4 PEG C . -2.25 -6.30 10.66
O4 PEG C . -1.61 -5.11 10.25
C1 GOL D . 15.24 2.76 -15.10
O1 GOL D . 14.65 3.21 -13.88
C2 GOL D . 16.24 3.76 -15.65
O2 GOL D . 16.58 4.74 -14.65
C3 GOL D . 17.50 3.11 -16.17
O3 GOL D . 18.22 3.95 -17.08
S DMS E . 18.65 10.79 -8.27
O DMS E . 19.10 11.73 -7.20
C1 DMS E . 20.05 9.75 -8.59
C2 DMS E . 18.64 11.71 -9.79
S DMS F . -2.11 -3.51 6.21
O DMS F . -3.52 -3.44 5.69
C1 DMS F . -1.86 -2.05 7.20
C2 DMS F . -2.04 -4.76 7.47
S DMS G . -5.65 -16.28 -6.82
O DMS G . -5.98 -14.83 -6.95
C1 DMS G . -4.48 -16.69 -8.09
C2 DMS G . -4.54 -16.42 -5.46
C1 PEG H . -0.23 -19.23 -4.40
O1 PEG H . 0.75 -19.47 -5.41
C2 PEG H . -1.40 -18.41 -4.89
O2 PEG H . -1.17 -17.02 -4.67
C3 PEG H . -1.86 -16.48 -3.53
C4 PEG H . -1.72 -14.97 -3.50
O4 PEG H . -2.84 -14.29 -4.06
S DMS I . -5.96 8.14 11.95
O DMS I . -5.61 7.42 13.22
C1 DMS I . -4.42 8.54 11.15
C2 DMS I . -6.46 9.78 12.41
#